data_7BBM
#
_entry.id   7BBM
#
_cell.length_a   59.900
_cell.length_b   79.547
_cell.length_c   36.560
_cell.angle_alpha   90.000
_cell.angle_beta   90.000
_cell.angle_gamma   90.000
#
_symmetry.space_group_name_H-M   'P 21 21 2'
#
loop_
_entity.id
_entity.type
_entity.pdbx_description
1 polymer 'UPF0678 fatty acid-binding protein-like protein At1g79260'
2 non-polymer 1,2-ETHANEDIOL
3 non-polymer 'MANGANESE PROTOPORPHYRIN IX'
4 water water
#
_entity_poly.entity_id   1
_entity_poly.type   'polypeptide(L)'
_entity_poly.pdbx_seq_one_letter_code
;MNQLQQLQNPGESPPVHPFVAPLSYLLGTWRGQGEGEYPTIPSFRYGEEIRFSHSGKPVIAYTQKTWKLESGAPLLAESG
YFRPRPDGSIEVVIACSTGLVEVQKGTYNVDEQSIKLKSDLVGNASKVKEISREFELVDGKLSYVVRLSTTTNPLQPHLK
AILDKL
;
_entity_poly.pdbx_strand_id   A
#
loop_
_chem_comp.id
_chem_comp.type
_chem_comp.name
_chem_comp.formula
EDO non-polymer 1,2-ETHANEDIOL 'C2 H6 O2'
MNH non-polymer 'MANGANESE PROTOPORPHYRIN IX' 'C34 H32 Mn N4 O4 4'
#
# COMPACT_ATOMS: atom_id res chain seq x y z
N PRO A 14 -1.84 22.11 -10.02
CA PRO A 14 -2.89 22.60 -9.13
C PRO A 14 -2.46 22.57 -7.68
N PRO A 15 -3.03 23.45 -6.85
CA PRO A 15 -2.68 23.40 -5.44
C PRO A 15 -3.14 22.09 -4.81
N VAL A 16 -2.45 21.71 -3.74
CA VAL A 16 -2.86 20.56 -2.97
C VAL A 16 -4.16 20.86 -2.23
N HIS A 17 -5.14 19.97 -2.37
CA HIS A 17 -6.43 20.12 -1.71
C HIS A 17 -6.23 20.09 -0.20
N PRO A 18 -7.01 20.86 0.56
CA PRO A 18 -6.87 20.82 2.03
C PRO A 18 -7.01 19.44 2.66
N PHE A 19 -7.76 18.52 2.05
CA PHE A 19 -7.88 17.18 2.64
C PHE A 19 -6.64 16.34 2.37
N VAL A 20 -5.90 16.66 1.30
CA VAL A 20 -4.69 15.94 0.94
C VAL A 20 -3.47 16.47 1.68
N ALA A 21 -3.47 17.75 2.04
CA ALA A 21 -2.31 18.38 2.64
C ALA A 21 -1.70 17.60 3.81
N PRO A 22 -2.46 17.01 4.72
CA PRO A 22 -1.82 16.29 5.83
C PRO A 22 -1.01 15.10 5.39
N LEU A 23 -1.27 14.58 4.18
CA LEU A 23 -0.51 13.47 3.61
C LEU A 23 0.42 13.92 2.51
N SER A 24 0.78 15.21 2.47
CA SER A 24 1.61 15.71 1.40
C SER A 24 2.98 15.09 1.42
N TYR A 25 3.43 14.55 2.58
CA TYR A 25 4.72 13.85 2.67
C TYR A 25 4.78 12.66 1.73
N LEU A 26 3.65 12.11 1.31
CA LEU A 26 3.66 10.98 0.37
C LEU A 26 3.98 11.39 -1.05
N LEU A 27 3.65 12.62 -1.44
CA LEU A 27 3.66 12.99 -2.85
C LEU A 27 5.08 12.92 -3.41
N GLY A 28 5.22 12.22 -4.55
CA GLY A 28 6.50 11.98 -5.16
C GLY A 28 6.61 10.52 -5.54
N THR A 29 7.84 10.12 -5.84
CA THR A 29 8.18 8.77 -6.22
C THR A 29 9.14 8.18 -5.21
N TRP A 30 8.98 6.89 -4.95
CA TRP A 30 9.67 6.16 -3.92
C TRP A 30 10.20 4.86 -4.52
N ARG A 31 11.40 4.44 -4.11
CA ARG A 31 11.94 3.18 -4.62
C ARG A 31 12.69 2.48 -3.51
N GLY A 32 12.48 1.17 -3.41
CA GLY A 32 13.24 0.38 -2.46
C GLY A 32 13.03 -1.09 -2.66
N GLN A 33 12.99 -1.84 -1.57
N GLN A 33 12.93 -1.85 -1.59
CA GLN A 33 13.02 -3.29 -1.59
CA GLN A 33 12.81 -3.28 -1.74
C GLN A 33 12.09 -3.82 -0.51
C GLN A 33 12.10 -3.84 -0.54
N GLY A 34 11.57 -5.04 -0.74
CA GLY A 34 10.73 -5.69 0.23
C GLY A 34 11.00 -7.18 0.31
N GLU A 35 10.30 -7.80 1.24
N GLU A 35 10.28 -7.81 1.22
CA GLU A 35 10.38 -9.23 1.47
CA GLU A 35 10.39 -9.23 1.50
C GLU A 35 8.99 -9.76 1.68
C GLU A 35 8.99 -9.77 1.71
N GLY A 36 8.73 -10.95 1.16
CA GLY A 36 7.46 -11.62 1.31
C GLY A 36 7.63 -12.98 1.97
N GLU A 37 6.57 -13.40 2.63
CA GLU A 37 6.54 -14.66 3.39
C GLU A 37 5.09 -15.05 3.60
N TYR A 38 4.86 -16.34 3.81
CA TYR A 38 3.56 -16.82 4.29
C TYR A 38 3.73 -18.28 4.68
N PRO A 39 2.93 -18.83 5.66
CA PRO A 39 3.21 -20.17 6.17
C PRO A 39 3.36 -21.22 5.09
N THR A 40 2.76 -20.97 3.94
CA THR A 40 2.68 -21.99 2.92
C THR A 40 3.69 -21.83 1.79
N ILE A 41 4.54 -20.81 1.84
CA ILE A 41 5.40 -20.51 0.69
C ILE A 41 6.80 -20.19 1.17
N PRO A 42 7.79 -20.32 0.30
CA PRO A 42 9.13 -19.87 0.65
C PRO A 42 9.21 -18.36 0.62
N SER A 43 10.03 -17.81 1.51
N SER A 43 10.03 -17.81 1.51
CA SER A 43 10.23 -16.38 1.55
CA SER A 43 10.21 -16.37 1.55
C SER A 43 10.92 -15.88 0.28
C SER A 43 10.91 -15.88 0.28
N PHE A 44 10.66 -14.62 -0.06
CA PHE A 44 11.17 -14.06 -1.30
C PHE A 44 11.44 -12.58 -1.10
N ARG A 45 12.22 -12.00 -2.02
CA ARG A 45 12.53 -10.57 -2.02
C ARG A 45 12.16 -9.96 -3.37
N TYR A 46 11.97 -8.64 -3.36
CA TYR A 46 11.54 -7.94 -4.56
C TYR A 46 11.95 -6.48 -4.46
N GLY A 47 12.06 -5.84 -5.61
CA GLY A 47 12.15 -4.39 -5.69
C GLY A 47 10.77 -3.79 -5.86
N GLU A 48 10.63 -2.54 -5.44
CA GLU A 48 9.33 -1.87 -5.49
C GLU A 48 9.52 -0.39 -5.77
N GLU A 49 8.58 0.17 -6.54
CA GLU A 49 8.50 1.60 -6.83
C GLU A 49 7.05 2.03 -6.64
N ILE A 50 6.85 3.16 -6.00
CA ILE A 50 5.54 3.74 -5.77
C ILE A 50 5.55 5.20 -6.17
N ARG A 51 4.49 5.65 -6.84
CA ARG A 51 4.30 7.08 -7.07
C ARG A 51 2.97 7.51 -6.50
N PHE A 52 2.99 8.58 -5.74
CA PHE A 52 1.79 9.25 -5.25
C PHE A 52 1.71 10.60 -5.93
N SER A 53 0.55 10.92 -6.49
CA SER A 53 0.34 12.16 -7.25
C SER A 53 -1.06 12.68 -6.98
N HIS A 54 -1.35 13.87 -7.49
CA HIS A 54 -2.69 14.42 -7.31
C HIS A 54 -3.01 15.40 -8.43
N SER A 55 -4.28 15.77 -8.50
N SER A 55 -4.29 15.76 -8.51
CA SER A 55 -4.81 16.70 -9.51
CA SER A 55 -4.82 16.66 -9.52
C SER A 55 -5.67 17.77 -8.86
C SER A 55 -5.54 17.88 -8.92
N GLY A 56 -5.38 18.12 -7.62
CA GLY A 56 -6.06 19.20 -6.93
C GLY A 56 -7.36 18.78 -6.27
N LYS A 57 -7.74 17.52 -6.37
N LYS A 57 -7.73 17.52 -6.37
CA LYS A 57 -8.95 16.99 -5.77
CA LYS A 57 -8.94 16.98 -5.78
C LYS A 57 -8.62 16.39 -4.41
C LYS A 57 -8.62 16.40 -4.42
N PRO A 58 -9.64 15.99 -3.62
CA PRO A 58 -9.34 15.41 -2.30
C PRO A 58 -8.98 13.93 -2.42
N VAL A 59 -8.06 13.63 -3.33
CA VAL A 59 -7.71 12.26 -3.69
C VAL A 59 -6.25 12.27 -4.07
N ILE A 60 -5.53 11.23 -3.65
CA ILE A 60 -4.15 10.98 -4.06
C ILE A 60 -4.15 9.73 -4.94
N ALA A 61 -3.60 9.85 -6.14
CA ALA A 61 -3.41 8.68 -6.99
C ALA A 61 -2.18 7.91 -6.55
N TYR A 62 -2.30 6.58 -6.51
CA TYR A 62 -1.27 5.64 -6.12
C TYR A 62 -1.00 4.70 -7.28
N THR A 63 0.27 4.53 -7.62
N THR A 63 0.25 4.57 -7.67
CA THR A 63 0.65 3.56 -8.64
CA THR A 63 0.64 3.55 -8.64
C THR A 63 1.94 2.88 -8.22
C THR A 63 1.88 2.85 -8.10
N GLN A 64 1.97 1.56 -8.37
CA GLN A 64 3.04 0.75 -7.81
C GLN A 64 3.43 -0.35 -8.76
N LYS A 65 4.69 -0.75 -8.71
CA LYS A 65 5.14 -1.94 -9.42
C LYS A 65 6.25 -2.61 -8.63
N THR A 66 6.43 -3.90 -8.89
CA THR A 66 7.49 -4.69 -8.29
C THR A 66 8.27 -5.43 -9.36
N TRP A 67 9.48 -5.84 -8.99
CA TRP A 67 10.38 -6.50 -9.94
C TRP A 67 11.33 -7.43 -9.21
N LYS A 68 11.97 -8.30 -9.98
CA LYS A 68 13.04 -9.14 -9.46
C LYS A 68 14.31 -8.32 -9.26
N LEU A 69 14.93 -8.46 -8.09
CA LEU A 69 16.07 -7.62 -7.76
C LEU A 69 17.25 -7.78 -8.71
N GLU A 70 17.49 -8.98 -9.17
CA GLU A 70 18.76 -9.17 -9.85
C GLU A 70 18.73 -8.61 -11.26
N SER A 71 17.60 -8.69 -11.89
CA SER A 71 17.48 -8.47 -13.32
C SER A 71 16.62 -7.28 -13.64
N GLY A 72 15.80 -6.80 -12.70
CA GLY A 72 14.79 -5.84 -13.00
C GLY A 72 13.56 -6.41 -13.68
N ALA A 73 13.46 -7.73 -13.83
CA ALA A 73 12.34 -8.29 -14.57
C ALA A 73 11.02 -7.96 -13.87
N PRO A 74 10.02 -7.46 -14.60
N PRO A 74 10.01 -7.51 -14.59
CA PRO A 74 8.74 -7.13 -13.97
CA PRO A 74 8.76 -7.09 -13.93
C PRO A 74 8.12 -8.28 -13.21
C PRO A 74 8.02 -8.23 -13.26
N LEU A 75 7.46 -7.95 -12.09
CA LEU A 75 6.64 -8.89 -11.36
C LEU A 75 5.19 -8.45 -11.45
N LEU A 76 4.71 -7.62 -10.52
CA LEU A 76 3.32 -7.24 -10.45
C LEU A 76 3.19 -5.72 -10.46
N ALA A 77 1.93 -5.28 -10.48
CA ALA A 77 1.64 -3.85 -10.43
C ALA A 77 0.29 -3.66 -9.76
N GLU A 78 0.08 -2.49 -9.17
CA GLU A 78 -1.23 -2.15 -8.62
C GLU A 78 -1.42 -0.64 -8.71
N SER A 79 -2.66 -0.23 -8.57
N SER A 79 -2.69 -0.21 -8.72
CA SER A 79 -2.92 1.19 -8.61
CA SER A 79 -3.06 1.18 -8.92
C SER A 79 -4.30 1.51 -8.04
C SER A 79 -4.27 1.46 -8.03
N GLY A 80 -4.43 2.72 -7.59
CA GLY A 80 -5.66 3.10 -6.95
C GLY A 80 -5.63 4.51 -6.42
N TYR A 81 -6.43 4.76 -5.39
CA TYR A 81 -6.70 6.12 -4.95
C TYR A 81 -6.87 6.12 -3.44
N PHE A 82 -6.24 7.13 -2.81
CA PHE A 82 -6.32 7.37 -1.38
C PHE A 82 -7.18 8.61 -1.12
N ARG A 83 -8.16 8.50 -0.22
CA ARG A 83 -9.15 9.55 0.03
C ARG A 83 -9.15 9.88 1.52
N PRO A 84 -8.25 10.78 1.95
CA PRO A 84 -8.20 11.18 3.36
C PRO A 84 -9.22 12.25 3.67
N ARG A 85 -9.67 12.29 4.92
CA ARG A 85 -10.62 13.28 5.40
C ARG A 85 -10.10 13.93 6.67
N PRO A 86 -10.57 15.14 6.97
CA PRO A 86 -9.94 15.93 8.06
C PRO A 86 -10.21 15.39 9.45
N ASP A 87 -11.14 14.47 9.63
CA ASP A 87 -11.30 13.78 10.90
C ASP A 87 -10.26 12.70 11.12
N GLY A 88 -9.31 12.49 10.19
CA GLY A 88 -8.34 11.44 10.34
C GLY A 88 -8.75 10.13 9.75
N SER A 89 -9.96 10.02 9.22
CA SER A 89 -10.36 8.83 8.51
C SER A 89 -9.80 8.83 7.09
N ILE A 90 -9.75 7.64 6.50
CA ILE A 90 -9.25 7.50 5.13
C ILE A 90 -9.85 6.23 4.54
N GLU A 91 -10.14 6.30 3.24
N GLU A 91 -10.19 6.29 3.26
CA GLU A 91 -10.53 5.14 2.44
CA GLU A 91 -10.50 5.10 2.49
C GLU A 91 -9.61 5.04 1.25
C GLU A 91 -9.55 5.04 1.31
N VAL A 92 -9.21 3.82 0.91
CA VAL A 92 -8.26 3.58 -0.17
C VAL A 92 -8.86 2.48 -1.03
N VAL A 93 -8.87 2.68 -2.36
CA VAL A 93 -9.30 1.63 -3.29
C VAL A 93 -8.13 1.26 -4.16
N ILE A 94 -7.93 -0.05 -4.38
CA ILE A 94 -6.80 -0.57 -5.11
C ILE A 94 -7.28 -1.66 -6.06
N ALA A 95 -6.79 -1.61 -7.28
CA ALA A 95 -6.90 -2.68 -8.26
C ALA A 95 -5.50 -3.24 -8.51
N CYS A 96 -5.43 -4.55 -8.69
N CYS A 96 -5.39 -4.57 -8.57
CA CYS A 96 -4.15 -5.23 -8.78
CA CYS A 96 -4.09 -5.25 -8.74
C CYS A 96 -4.05 -6.02 -10.07
C CYS A 96 -4.05 -5.98 -10.07
N SER A 97 -2.83 -6.10 -10.60
CA SER A 97 -2.61 -6.79 -11.86
C SER A 97 -2.93 -8.26 -11.80
N THR A 98 -2.96 -8.84 -10.61
CA THR A 98 -3.38 -10.21 -10.39
C THR A 98 -4.87 -10.42 -10.63
N GLY A 99 -5.66 -9.36 -10.72
CA GLY A 99 -7.08 -9.49 -10.83
C GLY A 99 -7.86 -9.35 -9.55
N LEU A 100 -7.25 -8.87 -8.48
CA LEU A 100 -7.95 -8.57 -7.24
C LEU A 100 -8.26 -7.08 -7.16
N VAL A 101 -9.28 -6.77 -6.37
CA VAL A 101 -9.54 -5.41 -5.93
C VAL A 101 -9.68 -5.39 -4.41
N GLU A 102 -9.41 -4.22 -3.83
CA GLU A 102 -9.57 -4.03 -2.39
C GLU A 102 -10.22 -2.70 -2.09
N VAL A 103 -11.11 -2.70 -1.10
CA VAL A 103 -11.58 -1.47 -0.46
C VAL A 103 -11.00 -1.49 0.95
N GLN A 104 -10.13 -0.52 1.25
CA GLN A 104 -9.43 -0.41 2.51
C GLN A 104 -9.99 0.79 3.26
N LYS A 105 -10.19 0.66 4.57
CA LYS A 105 -10.65 1.78 5.39
C LYS A 105 -9.83 1.83 6.66
N GLY A 106 -9.61 3.02 7.17
CA GLY A 106 -8.89 3.19 8.41
C GLY A 106 -8.66 4.63 8.74
N THR A 107 -7.45 4.89 9.28
CA THR A 107 -7.15 6.19 9.84
C THR A 107 -5.72 6.56 9.49
N TYR A 108 -5.43 7.86 9.54
CA TYR A 108 -4.06 8.33 9.46
C TYR A 108 -3.79 9.17 10.70
N ASN A 109 -2.53 9.24 11.06
CA ASN A 109 -2.09 9.95 12.25
C ASN A 109 -0.98 10.91 11.86
N VAL A 110 -1.22 12.21 12.05
CA VAL A 110 -0.22 13.17 11.58
C VAL A 110 1.04 13.13 12.43
N ASP A 111 0.89 12.97 13.74
CA ASP A 111 2.08 13.03 14.59
C ASP A 111 2.97 11.83 14.36
N GLU A 112 2.41 10.69 14.01
CA GLU A 112 3.18 9.50 13.76
C GLU A 112 3.56 9.35 12.29
N GLN A 113 2.98 10.15 11.40
CA GLN A 113 3.12 9.97 9.94
C GLN A 113 2.84 8.50 9.56
N SER A 114 1.70 8.01 10.03
CA SER A 114 1.28 6.63 9.78
C SER A 114 -0.11 6.61 9.18
N ILE A 115 -0.37 5.51 8.50
CA ILE A 115 -1.67 5.21 7.90
C ILE A 115 -1.95 3.75 8.21
N LYS A 116 -3.12 3.46 8.78
N LYS A 116 -3.11 3.46 8.79
CA LYS A 116 -3.50 2.10 9.14
CA LYS A 116 -3.46 2.09 9.12
C LYS A 116 -4.83 1.76 8.48
C LYS A 116 -4.81 1.76 8.49
N LEU A 117 -4.83 0.70 7.68
CA LEU A 117 -5.97 0.31 6.87
C LEU A 117 -6.28 -1.16 7.05
N LYS A 118 -7.57 -1.49 7.01
CA LYS A 118 -8.01 -2.86 6.92
C LYS A 118 -9.12 -2.98 5.87
N SER A 119 -9.18 -4.12 5.20
CA SER A 119 -10.11 -4.26 4.09
C SER A 119 -11.54 -4.38 4.58
N ASP A 120 -12.43 -3.61 3.95
N ASP A 120 -12.42 -3.66 3.93
CA ASP A 120 -13.87 -3.83 3.98
CA ASP A 120 -13.85 -3.89 4.02
C ASP A 120 -14.27 -4.96 3.04
C ASP A 120 -14.34 -4.79 2.90
N LEU A 121 -13.56 -5.06 1.94
N LEU A 121 -13.51 -5.00 1.88
CA LEU A 121 -13.88 -6.01 0.89
CA LEU A 121 -13.84 -5.83 0.73
C LEU A 121 -12.59 -6.32 0.12
C LEU A 121 -12.53 -6.30 0.11
N VAL A 122 -12.47 -7.59 -0.26
CA VAL A 122 -11.47 -8.08 -1.19
C VAL A 122 -12.24 -8.77 -2.28
N GLY A 123 -12.13 -8.30 -3.51
CA GLY A 123 -12.92 -8.79 -4.62
C GLY A 123 -12.10 -9.66 -5.56
N ASN A 124 -12.77 -10.69 -6.08
CA ASN A 124 -12.23 -11.57 -7.11
C ASN A 124 -11.07 -12.41 -6.64
N ALA A 125 -10.99 -12.73 -5.34
CA ALA A 125 -9.91 -13.53 -4.79
C ALA A 125 -10.34 -14.98 -4.61
N SER A 126 -9.46 -15.90 -4.99
CA SER A 126 -9.75 -17.31 -4.78
C SER A 126 -9.54 -17.75 -3.34
N LYS A 127 -8.61 -17.14 -2.63
CA LYS A 127 -8.24 -17.62 -1.29
C LYS A 127 -8.17 -16.50 -0.26
N VAL A 128 -7.75 -15.31 -0.66
CA VAL A 128 -7.57 -14.23 0.30
C VAL A 128 -8.92 -13.76 0.81
N LYS A 129 -9.00 -13.55 2.13
N LYS A 129 -9.00 -13.53 2.11
CA LYS A 129 -10.22 -13.09 2.80
CA LYS A 129 -10.23 -13.04 2.73
C LYS A 129 -10.14 -11.65 3.26
C LYS A 129 -10.10 -11.59 3.20
N GLU A 130 -9.11 -11.28 4.03
CA GLU A 130 -8.88 -9.92 4.44
C GLU A 130 -7.42 -9.54 4.16
N ILE A 131 -7.20 -8.26 3.97
CA ILE A 131 -5.89 -7.66 3.79
C ILE A 131 -5.82 -6.43 4.68
N SER A 132 -4.73 -6.27 5.43
N SER A 132 -4.70 -6.24 5.38
CA SER A 132 -4.46 -4.99 6.08
CA SER A 132 -4.42 -5.03 6.15
C SER A 132 -3.19 -4.39 5.50
C SER A 132 -3.15 -4.40 5.62
N ARG A 133 -3.14 -3.07 5.47
CA ARG A 133 -2.00 -2.34 4.96
C ARG A 133 -1.69 -1.22 5.93
N GLU A 134 -0.45 -1.17 6.41
CA GLU A 134 -0.02 -0.13 7.34
C GLU A 134 1.25 0.53 6.83
N PHE A 135 1.24 1.85 6.75
CA PHE A 135 2.36 2.65 6.29
C PHE A 135 2.89 3.48 7.46
N GLU A 136 4.20 3.71 7.46
N GLU A 136 4.18 3.74 7.44
CA GLU A 136 4.83 4.61 8.42
CA GLU A 136 4.69 4.74 8.36
C GLU A 136 5.99 5.30 7.72
C GLU A 136 5.99 5.30 7.80
N LEU A 137 6.13 6.61 7.93
CA LEU A 137 7.33 7.29 7.51
C LEU A 137 8.34 7.17 8.64
N VAL A 138 9.51 6.59 8.35
CA VAL A 138 10.54 6.30 9.34
C VAL A 138 11.84 6.93 8.84
N ASP A 139 12.29 7.97 9.54
CA ASP A 139 13.47 8.73 9.14
C ASP A 139 13.38 9.10 7.66
N GLY A 140 12.20 9.55 7.23
CA GLY A 140 12.00 10.01 5.88
C GLY A 140 11.78 8.93 4.84
N LYS A 141 11.85 7.66 5.23
CA LYS A 141 11.63 6.52 4.34
C LYS A 141 10.22 6.01 4.53
N LEU A 142 9.63 5.50 3.46
CA LEU A 142 8.29 4.93 3.54
C LEU A 142 8.40 3.45 3.84
N SER A 143 7.82 3.02 4.97
N SER A 143 7.85 3.02 4.95
CA SER A 143 7.75 1.62 5.35
CA SER A 143 7.80 1.60 5.24
C SER A 143 6.32 1.16 5.25
C SER A 143 6.35 1.14 5.29
N TYR A 144 6.13 -0.08 4.86
CA TYR A 144 4.82 -0.68 5.11
C TYR A 144 4.88 -2.13 5.51
N VAL A 145 3.75 -2.59 6.02
CA VAL A 145 3.50 -4.01 6.21
C VAL A 145 2.14 -4.31 5.59
N VAL A 146 2.07 -5.35 4.78
CA VAL A 146 0.81 -5.93 4.32
C VAL A 146 0.62 -7.25 5.05
N ARG A 147 -0.54 -7.41 5.68
CA ARG A 147 -0.94 -8.67 6.28
C ARG A 147 -2.12 -9.22 5.51
N LEU A 148 -2.25 -10.53 5.47
CA LEU A 148 -3.39 -11.13 4.81
C LEU A 148 -3.85 -12.37 5.56
N SER A 149 -5.14 -12.67 5.36
CA SER A 149 -5.77 -13.87 5.88
C SER A 149 -6.35 -14.66 4.73
N THR A 150 -6.58 -15.94 5.01
CA THR A 150 -7.42 -16.83 4.24
C THR A 150 -8.41 -17.55 5.18
N THR A 151 -9.30 -18.36 4.60
CA THR A 151 -10.31 -19.05 5.39
C THR A 151 -9.66 -19.86 6.50
N THR A 152 -8.45 -20.36 6.26
CA THR A 152 -7.75 -21.22 7.20
C THR A 152 -6.51 -20.59 7.84
N ASN A 153 -5.97 -19.47 7.32
CA ASN A 153 -4.78 -18.84 7.89
C ASN A 153 -5.22 -17.48 8.42
N PRO A 154 -5.08 -17.22 9.72
N PRO A 154 -5.24 -17.23 9.73
CA PRO A 154 -5.48 -15.92 10.24
CA PRO A 154 -5.62 -15.90 10.21
C PRO A 154 -4.60 -14.81 9.67
C PRO A 154 -4.61 -14.82 9.79
N LEU A 155 -5.11 -13.59 9.83
CA LEU A 155 -4.39 -12.40 9.43
C LEU A 155 -2.98 -12.39 9.98
N GLN A 156 -2.00 -12.25 9.10
CA GLN A 156 -0.61 -12.34 9.51
C GLN A 156 0.27 -11.71 8.43
N PRO A 157 1.52 -11.38 8.78
CA PRO A 157 2.42 -10.71 7.83
C PRO A 157 2.59 -11.48 6.52
N HIS A 158 2.59 -10.74 5.41
CA HIS A 158 2.86 -11.28 4.09
C HIS A 158 3.97 -10.47 3.42
N LEU A 159 3.88 -9.13 3.42
CA LEU A 159 4.85 -8.31 2.73
C LEU A 159 5.33 -7.23 3.67
N LYS A 160 6.59 -6.84 3.52
N LYS A 160 6.60 -6.87 3.53
CA LYS A 160 7.10 -5.66 4.19
CA LYS A 160 7.20 -5.73 4.23
C LYS A 160 8.19 -5.05 3.34
C LYS A 160 8.14 -5.07 3.24
N ALA A 161 8.17 -3.72 3.22
CA ALA A 161 9.13 -3.03 2.38
C ALA A 161 9.50 -1.69 2.99
N ILE A 162 10.66 -1.18 2.57
CA ILE A 162 11.10 0.16 2.91
C ILE A 162 11.56 0.82 1.61
N LEU A 163 11.10 2.06 1.38
CA LEU A 163 11.39 2.76 0.15
C LEU A 163 11.95 4.14 0.47
N ASP A 164 12.96 4.54 -0.31
CA ASP A 164 13.53 5.88 -0.23
C ASP A 164 12.79 6.81 -1.17
N LYS A 165 12.66 8.06 -0.75
N LYS A 165 12.68 8.08 -0.78
CA LYS A 165 12.09 9.07 -1.62
CA LYS A 165 12.03 9.08 -1.62
C LYS A 165 13.11 9.46 -2.66
C LYS A 165 13.03 9.62 -2.63
N LEU A 166 12.67 9.56 -3.91
CA LEU A 166 13.55 9.95 -4.98
C LEU A 166 13.55 11.44 -5.19
C1 EDO B . 5.18 2.55 -10.55
O1 EDO B . 4.73 2.54 -11.88
C2 EDO B . 5.37 3.87 -9.86
O2 EDO B . 6.33 4.73 -10.50
H11 EDO B . 6.14 2.03 -10.52
H12 EDO B . 4.47 1.98 -9.95
HO1 EDO B . 5.46 2.28 -12.47
H21 EDO B . 5.69 3.69 -8.84
H22 EDO B . 4.41 4.39 -9.84
HO2 EDO B . 6.92 5.08 -9.83
C1 EDO C . -7.50 11.88 -9.05
C1 EDO C . -7.25 11.84 -8.53
O1 EDO C . -8.04 13.05 -8.46
O1 EDO C . -7.76 13.18 -8.55
C2 EDO C . -6.11 11.75 -8.48
C2 EDO C . -6.29 11.66 -9.69
O2 EDO C . -5.27 12.77 -9.04
O2 EDO C . -5.13 12.51 -9.61
H11 EDO C . -7.47 11.97 -10.14
H11 EDO C . -8.07 11.13 -8.61
H12 EDO C . -8.11 10.99 -8.81
H12 EDO C . -6.73 11.66 -7.59
HO1 EDO C . -8.72 13.42 -9.03
HO1 EDO C . -8.17 13.39 -7.70
H21 EDO C . -5.70 10.77 -8.70
H21 EDO C . -6.82 11.87 -10.61
H22 EDO C . -6.15 11.87 -7.40
H22 EDO C . -5.97 10.62 -9.72
HO2 EDO C . -5.19 13.51 -8.42
HO2 EDO C . -4.56 12.34 -10.37
C1 EDO D . 15.76 -2.48 -5.92
O1 EDO D . 16.07 -3.05 -7.23
C2 EDO D . 16.09 -0.99 -5.73
O2 EDO D . 15.96 -0.27 -6.94
H11 EDO D . 16.32 -3.04 -5.17
H12 EDO D . 14.69 -2.61 -5.73
HO1 EDO D . 15.69 -2.49 -7.93
H21 EDO D . 17.11 -0.90 -5.36
H22 EDO D . 15.41 -0.58 -4.98
HO2 EDO D . 16.14 0.68 -6.77
C1 EDO E . 15.68 1.63 0.46
O1 EDO E . 15.97 0.38 -0.23
C2 EDO E . 16.10 1.67 1.95
O2 EDO E . 17.52 1.43 2.07
H11 EDO E . 14.60 1.81 0.41
H12 EDO E . 16.18 2.45 -0.06
HO1 EDO E . 15.31 0.23 -0.91
H21 EDO E . 15.56 0.90 2.51
H22 EDO E . 15.86 2.64 2.38
HO2 EDO E . 17.81 1.65 2.96
C1 EDO F . -4.33 23.48 1.27
O1 EDO F . -3.40 22.45 0.93
C2 EDO F . -4.07 23.94 2.71
O2 EDO F . -4.96 23.30 3.66
H11 EDO F . -5.34 23.11 1.17
H12 EDO F . -4.21 24.32 0.59
HO1 EDO F . -3.51 22.20 0.01
H21 EDO F . -4.20 25.02 2.76
H22 EDO F . -3.05 23.70 2.98
HO2 EDO F . -4.61 23.42 4.55
C1 EDO G . -3.34 -15.08 -11.97
O1 EDO G . -4.30 -15.86 -12.67
C2 EDO G . -4.14 -14.08 -11.17
O2 EDO G . -3.29 -13.65 -10.14
H11 EDO G . -2.66 -14.58 -12.66
H12 EDO G . -2.74 -15.71 -11.31
HO1 EDO G . -4.07 -15.89 -13.61
H21 EDO G . -5.04 -14.55 -10.74
H22 EDO G . -4.45 -13.25 -11.79
HO2 EDO G . -3.81 -13.25 -9.43
MN MNH H . 1.76 -12.82 -2.67
CHA MNH H . 1.91 -16.03 -2.51
CHB MNH H . -1.44 -12.99 -1.93
CHC MNH H . 1.42 -9.58 -3.10
CHD MNH H . 4.45 -12.77 -4.29
NA MNH H . 0.38 -14.35 -2.25
C1A MNH H . 0.62 -15.71 -2.19
C2A MNH H . -0.59 -16.44 -1.83
C3A MNH H . -1.60 -15.56 -1.67
C4A MNH H . -0.95 -14.27 -1.93
CMA MNH H . -3.05 -15.76 -1.30
CAA MNH H . -0.62 -17.96 -1.72
CBA MNH H . -0.96 -18.44 -0.31
CGA MNH H . -1.73 -19.75 -0.11
O1A MNH H . -1.80 -20.60 -1.03
O2A MNH H . -2.09 -19.93 1.07
NB MNH H . 0.07 -11.42 -2.59
C1B MNH H . -1.23 -11.65 -2.19
C2B MNH H . -2.07 -10.49 -2.16
C3B MNH H . -1.15 -9.55 -2.52
C4B MNH H . 0.18 -10.05 -2.74
CMB MNH H . -3.56 -10.51 -1.83
CAB MNH H . -1.51 -8.10 -2.61
CBB MNH H . -1.72 -6.94 -1.68
NC MNH H . 2.88 -11.29 -3.63
C1C MNH H . 2.60 -9.94 -3.70
C2C MNH H . 3.65 -9.24 -4.41
C3C MNH H . 4.53 -10.19 -4.75
C4C MNH H . 4.06 -11.44 -4.27
CMC MNH H . 3.60 -7.73 -4.66
CAC MNH H . 5.81 -10.02 -5.53
CBC MNH H . 6.24 -8.82 -6.33
ND MNH H . 3.07 -14.27 -3.41
C1D MNH H . 4.25 -14.09 -4.09
C2D MNH H . 4.95 -15.31 -4.43
C3D MNH H . 4.15 -16.26 -3.87
C4D MNH H . 3.02 -15.63 -3.24
CMD MNH H . 6.25 -15.42 -5.21
CAD MNH H . 4.37 -17.77 -3.92
CBD MNH H . 3.65 -18.38 -5.11
CGD MNH H . 2.27 -18.93 -4.85
O1D MNH H . 2.05 -19.81 -4.00
O2D MNH H . 1.34 -18.48 -5.57
HHA MNH H . 2.16 -16.95 -2.01
HHB MNH H . -2.46 -13.07 -1.58
HHC MNH H . 1.49 -8.55 -2.79
HHD MNH H . 5.47 -12.72 -4.64
HMA1 MNH H . -3.20 -15.52 -0.24
HMA2 MNH H . -3.34 -16.80 -1.48
HMA3 MNH H . -3.68 -15.10 -1.92
HAA1 MNH H . 0.37 -18.35 -1.99
HAA2 MNH H . -1.38 -18.34 -2.41
HBA1 MNH H . -1.63 -17.66 0.09
HBA2 MNH H . 0.01 -18.61 0.17
H1A MNH H . -0.91 -20.81 -1.32
HMB1 MNH H . -3.69 -10.68 -0.74
HMB2 MNH H . -4.06 -11.32 -2.38
HMB3 MNH H . -4.02 -9.55 -2.10
HAB MNH H . -1.65 -7.80 -3.64
HBB1 MNH H . -1.63 -7.01 -0.60
HBB2 MNH H . -1.99 -5.94 -2.01
HMC1 MNH H . 4.50 -7.27 -4.22
HMC2 MNH H . 2.70 -7.31 -4.20
HMC3 MNH H . 3.59 -7.54 -5.75
HAC MNH H . 6.50 -10.86 -5.49
HBC1 MNH H . 7.17 -8.72 -6.88
HBC2 MNH H . 5.69 -7.91 -6.47
HMD1 MNH H . 6.65 -14.42 -5.42
HMD2 MNH H . 6.06 -15.94 -6.17
HMD3 MNH H . 6.99 -16.01 -4.64
HAD1 MNH H . 3.96 -18.21 -3.00
HAD2 MNH H . 5.45 -17.97 -4.02
HBD1 MNH H . 4.26 -19.21 -5.45
HBD2 MNH H . 3.52 -17.56 -5.84
H2D MNH H . 0.95 -17.72 -5.15
#